data_5C0F
#
_entry.id   5C0F
#
_cell.length_a   56.360
_cell.length_b   79.780
_cell.length_c   56.970
_cell.angle_alpha   90.000
_cell.angle_beta   115.700
_cell.angle_gamma   90.000
#
_symmetry.space_group_name_H-M   'P 1 21 1'
#
loop_
_entity.id
_entity.type
_entity.pdbx_description
1 polymer 'HLA class I histocompatibility antigen, A-2 alpha chain'
2 polymer Beta-2-microglobulin
3 polymer 'Marker peptide'
4 non-polymer 1,2-ETHANEDIOL
5 non-polymer GLYCEROL
6 non-polymer '2-(N-MORPHOLINO)-ETHANESULFONIC ACID'
7 non-polymer 'SULFATE ION'
8 non-polymer 'ACETIC ACID'
9 water water
#
loop_
_entity_poly.entity_id
_entity_poly.type
_entity_poly.pdbx_seq_one_letter_code
_entity_poly.pdbx_strand_id
1 'polypeptide(L)'
;MGSHSMRYFFTSVSRPGRGEPRFIAVGYVDDTQFVRFDSDAASQRMEPRAPWIEQEGPEYWDGETRKVKAHSQTHRVDLG
TLRGYYNQSEAGSHTVQRMYGCDVGSDWRFLRGYHQYAYDGKDYIALKEDLRSWTAADMAAQTTKHKWEAAHVAEQLRAY
LEGTCVEWLRRYLENGKETLQRTDAPKTHMTHHAVSDHEATLRCWALSFYPAEITLTWQRDGEDQTQDTELVETRPAGDG
TFQKWAAVVVPSGQEQRYTCHVQHEGLPKPLTLRWEP
;
A
2 'polypeptide(L)'
;MIQRTPKIQVYSRHPAENGKSNFLNCYVSGFHPSDIEVDLLKNGERIEKVEHSDLSFSKDWSFYLLYYTEFTPTEKDEYA
CRVNHVTLSQPKIVKWDRDM
;
B
3 'polypeptide(L)' RQWGPDPAAV C
#
# COMPACT_ATOMS: atom_id res chain seq x y z
N MET A 1 13.38 -11.04 -11.47
CA MET A 1 13.07 -11.28 -10.01
C MET A 1 12.44 -12.71 -9.83
N GLY A 2 12.29 -13.24 -8.58
CA GLY A 2 12.00 -14.71 -8.22
C GLY A 2 10.75 -15.22 -7.39
N SER A 3 9.91 -14.36 -6.88
CA SER A 3 8.46 -14.72 -6.85
C SER A 3 7.76 -13.44 -7.27
N HIS A 4 6.53 -13.58 -7.79
CA HIS A 4 5.78 -12.42 -8.24
C HIS A 4 4.33 -12.60 -7.88
N SER A 5 3.61 -11.48 -7.76
CA SER A 5 2.19 -11.50 -7.46
C SER A 5 1.40 -10.57 -8.37
N MET A 6 0.14 -10.91 -8.56
CA MET A 6 -0.87 -9.99 -9.09
C MET A 6 -1.99 -9.89 -8.06
N ARG A 7 -2.39 -8.67 -7.68
CA ARG A 7 -3.38 -8.51 -6.65
C ARG A 7 -4.33 -7.40 -7.03
N TYR A 8 -5.60 -7.58 -6.71
CA TYR A 8 -6.63 -6.56 -6.87
C TYR A 8 -7.21 -6.23 -5.51
N PHE A 9 -7.40 -4.95 -5.27
CA PHE A 9 -7.93 -4.37 -4.03
C PHE A 9 -9.17 -3.58 -4.33
N PHE A 10 -10.23 -3.73 -3.52
CA PHE A 10 -11.49 -3.08 -3.75
C PHE A 10 -12.01 -2.53 -2.43
N THR A 11 -12.47 -1.30 -2.45
CA THR A 11 -13.07 -0.67 -1.28
C THR A 11 -14.38 -0.03 -1.66
N SER A 12 -15.46 -0.31 -0.91
CA SER A 12 -16.73 0.40 -1.09
C SER A 12 -17.14 0.99 0.21
N VAL A 13 -17.56 2.26 0.17
CA VAL A 13 -17.97 2.98 1.35
C VAL A 13 -19.38 3.50 1.19
N SER A 14 -20.34 3.12 2.05
CA SER A 14 -21.69 3.53 1.86
C SER A 14 -21.86 5.00 2.16
N ARG A 15 -22.88 5.60 1.54
CA ARG A 15 -23.18 7.02 1.66
C ARG A 15 -24.67 7.09 2.02
N PRO A 16 -24.99 6.97 3.29
CA PRO A 16 -26.38 6.96 3.72
C PRO A 16 -27.12 8.28 3.44
N GLY A 17 -26.42 9.39 3.41
CA GLY A 17 -26.99 10.65 3.12
C GLY A 17 -27.69 10.84 1.74
N ARG A 18 -26.95 10.30 0.79
CA ARG A 18 -27.40 10.42 -0.60
C ARG A 18 -26.56 9.57 -1.52
N GLY A 19 -27.23 8.79 -2.36
CA GLY A 19 -26.55 8.14 -3.47
C GLY A 19 -25.90 6.81 -3.23
N GLU A 20 -25.05 6.40 -4.16
CA GLU A 20 -24.42 5.07 -4.16
C GLU A 20 -23.14 5.08 -3.38
N PRO A 21 -22.61 3.91 -3.03
CA PRO A 21 -21.36 3.84 -2.32
C PRO A 21 -20.20 4.43 -3.14
N ARG A 22 -19.19 4.96 -2.49
CA ARG A 22 -17.92 5.25 -3.17
C ARG A 22 -17.20 3.93 -3.41
N PHE A 23 -16.69 3.69 -4.60
CA PHE A 23 -16.02 2.44 -4.94
C PHE A 23 -14.73 2.75 -5.61
N ILE A 24 -13.66 2.20 -5.07
CA ILE A 24 -12.32 2.33 -5.62
C ILE A 24 -11.65 0.99 -5.75
N ALA A 25 -11.22 0.67 -6.97
CA ALA A 25 -10.48 -0.57 -7.27
C ALA A 25 -9.12 -0.24 -7.78
N VAL A 26 -8.13 -0.98 -7.32
CA VAL A 26 -6.76 -0.84 -7.86
C VAL A 26 -6.19 -2.23 -8.13
N GLY A 27 -5.37 -2.33 -9.19
CA GLY A 27 -4.61 -3.58 -9.44
C GLY A 27 -3.13 -3.37 -9.44
N TYR A 28 -2.42 -4.35 -8.89
CA TYR A 28 -0.97 -4.35 -8.80
C TYR A 28 -0.36 -5.61 -9.40
N VAL A 29 0.82 -5.41 -9.97
CA VAL A 29 1.74 -6.51 -10.17
C VAL A 29 2.92 -6.23 -9.24
N ASP A 30 3.22 -7.14 -8.32
CA ASP A 30 4.23 -6.83 -7.29
C ASP A 30 3.85 -5.51 -6.60
N ASP A 31 4.83 -4.59 -6.53
CA ASP A 31 4.55 -3.30 -5.90
C ASP A 31 4.26 -2.18 -6.91
N THR A 32 3.82 -2.56 -8.10
CA THR A 32 3.52 -1.59 -9.19
C THR A 32 2.02 -1.58 -9.47
N GLN A 33 1.38 -0.45 -9.17
N GLN A 33 1.41 -0.43 -9.21
CA GLN A 33 -0.02 -0.27 -9.51
CA GLN A 33 0.01 -0.17 -9.62
C GLN A 33 -0.16 -0.08 -11.04
C GLN A 33 -0.06 -0.22 -11.13
N PHE A 34 -1.08 -0.84 -11.67
CA PHE A 34 -1.25 -0.79 -13.13
C PHE A 34 -2.63 -0.42 -13.67
N VAL A 35 -3.65 -0.49 -12.83
CA VAL A 35 -5.00 -0.09 -13.24
C VAL A 35 -5.69 0.51 -12.04
N ARG A 36 -6.71 1.36 -12.31
N ARG A 36 -6.78 1.23 -12.33
CA ARG A 36 -7.61 1.92 -11.29
CA ARG A 36 -7.66 1.71 -11.32
C ARG A 36 -9.03 1.96 -11.84
C ARG A 36 -9.05 2.01 -11.84
N PHE A 37 -10.00 1.93 -10.91
CA PHE A 37 -11.37 2.40 -11.22
C PHE A 37 -11.80 3.20 -10.02
N ASP A 38 -12.40 4.37 -10.23
CA ASP A 38 -13.00 5.15 -9.16
C ASP A 38 -14.40 5.55 -9.59
N SER A 39 -15.40 5.16 -8.85
CA SER A 39 -16.80 5.46 -9.18
C SER A 39 -17.03 6.97 -9.25
N ASP A 40 -16.20 7.78 -8.62
CA ASP A 40 -16.37 9.24 -8.73
C ASP A 40 -15.62 9.91 -9.89
N ALA A 41 -14.79 9.15 -10.61
CA ALA A 41 -14.06 9.71 -11.75
C ALA A 41 -15.00 9.83 -12.97
N ALA A 42 -14.63 10.66 -13.91
CA ALA A 42 -15.56 11.00 -15.01
C ALA A 42 -15.59 9.89 -16.01
N SER A 43 -14.52 9.14 -16.19
CA SER A 43 -14.49 8.18 -17.28
C SER A 43 -15.50 7.03 -17.15
N GLN A 44 -15.73 6.59 -15.91
CA GLN A 44 -16.50 5.39 -15.68
C GLN A 44 -15.88 4.16 -16.42
N ARG A 45 -14.56 4.18 -16.55
CA ARG A 45 -13.85 3.04 -17.17
C ARG A 45 -12.72 2.60 -16.26
N MET A 46 -12.33 1.36 -16.42
CA MET A 46 -11.03 0.94 -15.86
C MET A 46 -9.97 1.71 -16.64
N GLU A 47 -9.00 2.29 -15.89
CA GLU A 47 -7.99 3.19 -16.48
C GLU A 47 -6.61 2.60 -16.26
N PRO A 48 -5.68 2.85 -17.19
CA PRO A 48 -4.29 2.45 -17.03
C PRO A 48 -3.55 3.32 -16.01
N ARG A 49 -2.63 2.71 -15.25
N ARG A 49 -2.61 2.70 -15.30
CA ARG A 49 -1.74 3.46 -14.33
CA ARG A 49 -1.76 3.41 -14.36
C ARG A 49 -0.25 3.12 -14.57
C ARG A 49 -0.30 2.94 -14.42
N ALA A 50 0.02 2.22 -15.49
CA ALA A 50 1.43 1.88 -15.87
C ALA A 50 1.53 1.85 -17.36
N PRO A 51 2.66 2.27 -17.92
CA PRO A 51 2.72 2.31 -19.37
C PRO A 51 2.59 0.96 -20.08
N TRP A 52 3.05 -0.13 -19.46
CA TRP A 52 3.01 -1.43 -20.11
C TRP A 52 1.64 -2.07 -20.25
N ILE A 53 0.65 -1.53 -19.58
CA ILE A 53 -0.75 -2.03 -19.74
C ILE A 53 -1.45 -1.27 -20.90
N GLU A 54 -0.90 -0.15 -21.34
CA GLU A 54 -1.58 0.70 -22.37
C GLU A 54 -1.75 0.01 -23.70
N GLN A 55 -0.88 -0.93 -23.99
CA GLN A 55 -0.95 -1.68 -25.23
C GLN A 55 -2.07 -2.73 -25.30
N GLU A 56 -2.71 -3.02 -24.17
CA GLU A 56 -3.90 -3.91 -24.20
C GLU A 56 -4.96 -3.19 -25.07
N GLY A 57 -5.67 -3.97 -25.85
CA GLY A 57 -6.63 -3.40 -26.84
C GLY A 57 -8.03 -3.22 -26.26
N PRO A 58 -8.94 -2.70 -27.10
CA PRO A 58 -10.23 -2.29 -26.58
C PRO A 58 -11.04 -3.41 -25.95
N GLU A 59 -10.91 -4.63 -26.45
CA GLU A 59 -11.64 -5.74 -25.88
C GLU A 59 -11.26 -5.92 -24.40
N TYR A 60 -9.98 -5.73 -24.13
CA TYR A 60 -9.46 -5.85 -22.76
C TYR A 60 -10.13 -4.79 -21.84
N TRP A 61 -10.03 -3.54 -22.31
CA TRP A 61 -10.54 -2.45 -21.48
C TRP A 61 -12.05 -2.53 -21.27
N ASP A 62 -12.74 -2.92 -22.33
CA ASP A 62 -14.21 -3.17 -22.19
C ASP A 62 -14.51 -4.27 -21.19
N GLY A 63 -13.80 -5.39 -21.29
CA GLY A 63 -14.04 -6.50 -20.35
C GLY A 63 -13.71 -6.16 -18.94
N GLU A 64 -12.58 -5.48 -18.74
CA GLU A 64 -12.20 -5.09 -17.41
C GLU A 64 -13.15 -4.05 -16.80
N THR A 65 -13.63 -3.11 -17.63
CA THR A 65 -14.65 -2.18 -17.18
C THR A 65 -15.94 -2.89 -16.79
N ARG A 66 -16.40 -3.81 -17.64
N ARG A 66 -16.39 -3.81 -17.64
CA ARG A 66 -17.63 -4.53 -17.32
CA ARG A 66 -17.62 -4.55 -17.36
C ARG A 66 -17.49 -5.26 -15.97
C ARG A 66 -17.52 -5.30 -16.02
N LYS A 67 -16.39 -6.00 -15.80
CA LYS A 67 -16.17 -6.72 -14.54
C LYS A 67 -16.15 -5.83 -13.32
N VAL A 68 -15.44 -4.72 -13.41
CA VAL A 68 -15.26 -3.85 -12.26
C VAL A 68 -16.57 -3.11 -11.90
N LYS A 69 -17.38 -2.78 -12.90
CA LYS A 69 -18.67 -2.13 -12.60
C LYS A 69 -19.63 -3.15 -11.97
N ALA A 70 -19.61 -4.39 -12.49
CA ALA A 70 -20.48 -5.42 -11.88
C ALA A 70 -20.05 -5.64 -10.43
N HIS A 71 -18.75 -5.71 -10.17
CA HIS A 71 -18.21 -5.90 -8.83
C HIS A 71 -18.74 -4.76 -7.89
N SER A 72 -18.69 -3.51 -8.43
CA SER A 72 -19.15 -2.38 -7.61
C SER A 72 -20.60 -2.54 -7.21
N GLN A 73 -21.42 -3.01 -8.14
CA GLN A 73 -22.85 -3.26 -7.82
C GLN A 73 -23.04 -4.36 -6.78
N THR A 74 -22.20 -5.39 -6.89
CA THR A 74 -22.21 -6.45 -5.89
C THR A 74 -21.89 -5.87 -4.49
N HIS A 75 -20.92 -4.96 -4.39
CA HIS A 75 -20.63 -4.40 -3.07
C HIS A 75 -21.75 -3.52 -2.62
N ARG A 76 -22.42 -2.83 -3.54
CA ARG A 76 -23.60 -2.04 -3.18
C ARG A 76 -24.68 -2.93 -2.54
N VAL A 77 -24.95 -4.05 -3.17
CA VAL A 77 -25.88 -5.03 -2.56
C VAL A 77 -25.34 -5.51 -1.23
N ASP A 78 -24.07 -5.88 -1.19
CA ASP A 78 -23.49 -6.42 0.04
C ASP A 78 -23.65 -5.44 1.22
N LEU A 79 -23.39 -4.15 0.97
CA LEU A 79 -23.49 -3.19 2.07
C LEU A 79 -24.93 -3.24 2.70
N GLY A 80 -25.95 -3.36 1.86
CA GLY A 80 -27.32 -3.53 2.38
C GLY A 80 -27.51 -4.86 3.11
N THR A 81 -27.00 -5.93 2.51
CA THR A 81 -27.13 -7.24 3.15
C THR A 81 -26.47 -7.28 4.53
N LEU A 82 -25.25 -6.74 4.58
CA LEU A 82 -24.48 -6.74 5.82
C LEU A 82 -25.13 -5.90 6.91
N ARG A 83 -25.72 -4.74 6.55
CA ARG A 83 -26.41 -3.92 7.53
C ARG A 83 -27.55 -4.74 8.15
N GLY A 84 -28.24 -5.54 7.33
CA GLY A 84 -29.29 -6.46 7.85
C GLY A 84 -28.72 -7.55 8.71
N TYR A 85 -27.67 -8.23 8.23
CA TYR A 85 -27.10 -9.33 9.04
C TYR A 85 -26.68 -8.83 10.40
N TYR A 86 -26.16 -7.63 10.51
CA TYR A 86 -25.64 -7.10 11.76
C TYR A 86 -26.69 -6.23 12.51
N ASN A 87 -27.90 -6.13 11.99
CA ASN A 87 -28.95 -5.31 12.67
C ASN A 87 -28.52 -3.88 12.95
N GLN A 88 -27.90 -3.27 11.94
CA GLN A 88 -27.40 -1.91 12.01
C GLN A 88 -28.38 -0.94 11.43
N SER A 89 -28.31 0.31 11.91
CA SER A 89 -29.16 1.41 11.41
C SER A 89 -28.85 1.75 9.95
N GLU A 90 -29.80 2.32 9.25
CA GLU A 90 -29.56 2.87 7.93
C GLU A 90 -28.74 4.16 7.97
N ALA A 91 -28.53 4.71 9.14
CA ALA A 91 -28.00 6.03 9.25
C ALA A 91 -26.48 6.12 9.09
N GLY A 92 -25.75 5.03 9.40
CA GLY A 92 -24.27 5.17 9.42
C GLY A 92 -23.59 4.69 8.11
N SER A 93 -22.39 5.17 7.86
CA SER A 93 -21.61 4.72 6.73
C SER A 93 -20.84 3.47 7.17
N HIS A 94 -20.72 2.51 6.26
CA HIS A 94 -19.97 1.29 6.49
C HIS A 94 -19.11 0.97 5.30
N THR A 95 -18.14 0.07 5.53
CA THR A 95 -17.12 -0.23 4.51
C THR A 95 -17.03 -1.72 4.21
N VAL A 96 -16.93 -2.06 2.92
N VAL A 96 -16.94 -2.06 2.92
CA VAL A 96 -16.57 -3.40 2.46
CA VAL A 96 -16.55 -3.39 2.49
C VAL A 96 -15.19 -3.28 1.83
C VAL A 96 -15.22 -3.32 1.74
N GLN A 97 -14.35 -4.31 2.03
CA GLN A 97 -13.05 -4.43 1.37
C GLN A 97 -12.87 -5.83 0.87
N ARG A 98 -12.26 -5.96 -0.28
CA ARG A 98 -11.96 -7.30 -0.83
C ARG A 98 -10.57 -7.20 -1.41
N MET A 99 -9.75 -8.24 -1.24
CA MET A 99 -8.48 -8.39 -1.95
C MET A 99 -8.36 -9.81 -2.46
N TYR A 100 -7.96 -9.99 -3.72
CA TYR A 100 -7.67 -11.35 -4.19
C TYR A 100 -6.45 -11.28 -5.07
N GLY A 101 -5.84 -12.44 -5.30
CA GLY A 101 -4.66 -12.45 -6.13
C GLY A 101 -4.00 -13.80 -6.18
N CYS A 102 -2.92 -13.84 -6.92
CA CYS A 102 -2.15 -15.05 -7.08
C CYS A 102 -0.68 -14.74 -7.13
N ASP A 103 0.12 -15.71 -6.68
CA ASP A 103 1.56 -15.66 -6.70
C ASP A 103 2.12 -16.76 -7.63
N VAL A 104 3.16 -16.43 -8.36
CA VAL A 104 4.04 -17.44 -9.01
C VAL A 104 5.33 -17.48 -8.21
N GLY A 105 5.91 -18.69 -8.16
CA GLY A 105 7.10 -18.91 -7.36
C GLY A 105 8.33 -18.81 -8.23
N SER A 106 9.41 -19.32 -7.66
CA SER A 106 10.71 -19.21 -8.23
C SER A 106 10.83 -20.02 -9.51
N ASP A 107 9.96 -21.01 -9.68
CA ASP A 107 9.96 -21.88 -10.84
C ASP A 107 8.99 -21.26 -11.92
N TRP A 108 8.45 -20.07 -11.67
CA TRP A 108 7.52 -19.35 -12.57
C TRP A 108 6.13 -20.05 -12.71
N ARG A 109 5.84 -20.99 -11.82
CA ARG A 109 4.52 -21.66 -11.85
C ARG A 109 3.70 -21.17 -10.68
N PHE A 110 2.39 -21.46 -10.72
CA PHE A 110 1.52 -21.13 -9.64
C PHE A 110 2.13 -21.53 -8.31
N LEU A 111 2.08 -20.62 -7.35
CA LEU A 111 2.52 -20.86 -5.93
C LEU A 111 1.36 -20.86 -4.94
N ARG A 112 0.53 -19.83 -5.00
CA ARG A 112 -0.65 -19.77 -4.13
C ARG A 112 -1.67 -18.76 -4.65
N GLY A 113 -2.89 -18.86 -4.17
CA GLY A 113 -3.95 -17.94 -4.46
C GLY A 113 -4.60 -17.51 -3.14
N TYR A 114 -5.32 -16.41 -3.18
CA TYR A 114 -6.02 -15.91 -1.97
C TYR A 114 -7.18 -15.02 -2.40
N HIS A 115 -8.12 -14.90 -1.47
CA HIS A 115 -9.29 -14.05 -1.58
C HIS A 115 -9.82 -13.78 -0.20
N GLN A 116 -9.75 -12.53 0.23
CA GLN A 116 -10.14 -12.12 1.57
C GLN A 116 -11.17 -11.01 1.46
N TYR A 117 -12.10 -10.99 2.36
CA TYR A 117 -13.19 -10.00 2.39
C TYR A 117 -13.35 -9.51 3.86
N ALA A 118 -13.58 -8.21 3.99
CA ALA A 118 -13.69 -7.57 5.29
C ALA A 118 -14.89 -6.63 5.35
N TYR A 119 -15.52 -6.55 6.54
CA TYR A 119 -16.61 -5.58 6.80
C TYR A 119 -16.19 -4.73 7.92
N ASP A 120 -16.29 -3.41 7.72
CA ASP A 120 -15.87 -2.40 8.71
C ASP A 120 -14.45 -2.65 9.28
N GLY A 121 -13.57 -3.08 8.39
CA GLY A 121 -12.17 -3.24 8.71
C GLY A 121 -11.77 -4.47 9.48
N LYS A 122 -12.69 -5.42 9.60
N LYS A 122 -12.70 -5.41 9.61
CA LYS A 122 -12.40 -6.68 10.26
CA LYS A 122 -12.43 -6.67 10.29
C LYS A 122 -12.64 -7.84 9.32
C LYS A 122 -12.65 -7.83 9.33
N ASP A 123 -11.89 -8.90 9.55
CA ASP A 123 -12.08 -10.11 8.73
C ASP A 123 -13.54 -10.49 8.72
N TYR A 124 -13.98 -10.93 7.54
CA TYR A 124 -15.37 -11.42 7.38
C TYR A 124 -15.28 -12.86 6.86
N ILE A 125 -14.86 -13.04 5.58
CA ILE A 125 -14.71 -14.38 5.04
C ILE A 125 -13.45 -14.42 4.19
N ALA A 126 -12.77 -15.58 4.17
CA ALA A 126 -11.54 -15.72 3.41
C ALA A 126 -11.47 -17.13 2.83
N LEU A 127 -10.93 -17.21 1.66
CA LEU A 127 -10.62 -18.51 1.08
C LEU A 127 -9.41 -19.15 1.72
N LYS A 128 -9.46 -20.43 2.05
CA LYS A 128 -8.28 -21.04 2.66
C LYS A 128 -7.25 -21.32 1.59
N GLU A 129 -6.04 -21.66 2.05
N GLU A 129 -6.01 -21.63 1.98
CA GLU A 129 -4.90 -21.93 1.18
CA GLU A 129 -4.92 -21.83 0.99
C GLU A 129 -5.19 -23.00 0.13
C GLU A 129 -5.18 -23.02 0.06
N ASP A 130 -5.98 -24.01 0.49
CA ASP A 130 -6.31 -25.09 -0.42
C ASP A 130 -7.25 -24.67 -1.58
N LEU A 131 -7.83 -23.48 -1.49
CA LEU A 131 -8.68 -22.93 -2.51
C LEU A 131 -9.97 -23.73 -2.64
N ARG A 132 -10.34 -24.42 -1.58
CA ARG A 132 -11.55 -25.29 -1.60
C ARG A 132 -12.54 -24.99 -0.49
N SER A 133 -12.07 -24.31 0.57
CA SER A 133 -12.84 -24.12 1.81
C SER A 133 -12.73 -22.65 2.23
N TRP A 134 -13.67 -22.21 3.09
CA TRP A 134 -13.72 -20.86 3.56
C TRP A 134 -13.57 -20.78 5.07
N THR A 135 -12.98 -19.68 5.51
CA THR A 135 -12.86 -19.30 6.93
C THR A 135 -13.89 -18.18 7.13
N ALA A 136 -14.89 -18.38 7.97
CA ALA A 136 -15.91 -17.38 8.32
C ALA A 136 -15.66 -16.93 9.76
N ALA A 137 -15.57 -15.62 9.93
CA ALA A 137 -15.20 -15.08 11.28
C ALA A 137 -16.27 -15.10 12.33
N ASP A 138 -17.54 -15.08 11.93
CA ASP A 138 -18.67 -14.94 12.80
C ASP A 138 -19.95 -15.55 12.14
N MET A 139 -21.10 -15.44 12.75
CA MET A 139 -22.28 -16.14 12.24
C MET A 139 -22.92 -15.44 11.03
N ALA A 140 -22.66 -14.16 10.80
CA ALA A 140 -23.01 -13.50 9.58
C ALA A 140 -22.19 -14.10 8.42
N ALA A 141 -20.89 -14.13 8.62
CA ALA A 141 -20.02 -14.74 7.58
C ALA A 141 -20.31 -16.23 7.39
N GLN A 142 -20.75 -16.92 8.44
N GLN A 142 -20.75 -16.93 8.44
CA GLN A 142 -21.14 -18.32 8.30
CA GLN A 142 -21.16 -18.33 8.30
C GLN A 142 -22.35 -18.51 7.37
C GLN A 142 -22.31 -18.44 7.27
N THR A 143 -23.27 -17.55 7.40
CA THR A 143 -24.45 -17.51 6.45
C THR A 143 -23.90 -17.37 5.03
N THR A 144 -22.96 -16.45 4.80
CA THR A 144 -22.32 -16.28 3.48
C THR A 144 -21.62 -17.53 3.08
N LYS A 145 -20.85 -18.15 4.00
CA LYS A 145 -20.11 -19.35 3.68
C LYS A 145 -21.07 -20.46 3.19
N HIS A 146 -22.20 -20.67 3.87
CA HIS A 146 -23.09 -21.73 3.44
C HIS A 146 -23.58 -21.44 2.02
N LYS A 147 -23.95 -20.18 1.78
CA LYS A 147 -24.42 -19.71 0.47
C LYS A 147 -23.39 -20.03 -0.64
N TRP A 148 -22.18 -19.61 -0.36
CA TRP A 148 -21.08 -19.74 -1.34
C TRP A 148 -20.70 -21.19 -1.53
N GLU A 149 -20.77 -22.04 -0.51
CA GLU A 149 -20.51 -23.47 -0.69
C GLU A 149 -21.53 -24.08 -1.61
N ALA A 150 -22.80 -23.74 -1.37
CA ALA A 150 -23.84 -24.36 -2.17
C ALA A 150 -23.78 -23.91 -3.66
N ALA A 151 -23.26 -22.75 -3.89
CA ALA A 151 -23.11 -22.17 -5.24
C ALA A 151 -21.73 -22.44 -5.91
N HIS A 152 -20.85 -23.19 -5.23
CA HIS A 152 -19.57 -23.61 -5.82
C HIS A 152 -18.71 -22.43 -6.17
N VAL A 153 -18.75 -21.40 -5.33
CA VAL A 153 -17.98 -20.23 -5.57
C VAL A 153 -16.49 -20.55 -5.52
N ALA A 154 -16.04 -21.34 -4.54
CA ALA A 154 -14.64 -21.72 -4.44
C ALA A 154 -14.11 -22.38 -5.69
N GLU A 155 -14.88 -23.24 -6.35
CA GLU A 155 -14.42 -23.92 -7.57
C GLU A 155 -14.15 -22.94 -8.71
N GLN A 156 -15.04 -21.97 -8.86
CA GLN A 156 -14.95 -20.95 -9.86
C GLN A 156 -13.71 -20.06 -9.58
N LEU A 157 -13.56 -19.61 -8.33
N LEU A 157 -13.57 -19.66 -8.36
CA LEU A 157 -12.38 -18.80 -7.90
CA LEU A 157 -12.50 -18.78 -8.00
C LEU A 157 -11.10 -19.56 -8.13
C LEU A 157 -11.13 -19.53 -8.06
N ARG A 158 -11.08 -20.81 -7.70
CA ARG A 158 -9.87 -21.63 -7.83
C ARG A 158 -9.43 -21.69 -9.29
N ALA A 159 -10.37 -21.90 -10.20
CA ALA A 159 -10.06 -22.01 -11.62
C ALA A 159 -9.39 -20.72 -12.08
N TYR A 160 -9.96 -19.57 -11.68
CA TYR A 160 -9.33 -18.29 -11.95
C TYR A 160 -7.91 -18.19 -11.37
N LEU A 161 -7.77 -18.47 -10.07
CA LEU A 161 -6.49 -18.24 -9.38
C LEU A 161 -5.37 -19.11 -9.93
N GLU A 162 -5.69 -20.33 -10.31
CA GLU A 162 -4.70 -21.28 -10.85
C GLU A 162 -4.47 -21.09 -12.37
N GLY A 163 -5.40 -20.46 -13.06
CA GLY A 163 -5.44 -20.42 -14.52
C GLY A 163 -5.21 -18.99 -14.99
N THR A 164 -6.30 -18.27 -15.28
CA THR A 164 -6.25 -16.93 -15.80
C THR A 164 -5.34 -16.00 -15.01
N CYS A 165 -5.42 -16.06 -13.71
CA CYS A 165 -4.66 -15.13 -12.91
C CYS A 165 -3.17 -15.29 -13.16
N VAL A 166 -2.72 -16.53 -13.07
N VAL A 166 -2.65 -16.50 -13.09
CA VAL A 166 -1.31 -16.86 -13.29
CA VAL A 166 -1.20 -16.62 -13.32
C VAL A 166 -0.88 -16.47 -14.70
C VAL A 166 -0.83 -16.44 -14.76
N GLU A 167 -1.70 -16.85 -15.68
CA GLU A 167 -1.37 -16.61 -17.11
C GLU A 167 -1.22 -15.14 -17.40
N TRP A 168 -2.15 -14.33 -16.89
CA TRP A 168 -2.09 -12.90 -17.13
C TRP A 168 -1.00 -12.21 -16.34
N LEU A 169 -0.72 -12.70 -15.13
CA LEU A 169 0.47 -12.22 -14.38
C LEU A 169 1.72 -12.41 -15.19
N ARG A 170 1.91 -13.61 -15.74
CA ARG A 170 3.07 -13.88 -16.59
C ARG A 170 3.12 -12.98 -17.82
N ARG A 171 1.95 -12.76 -18.46
CA ARG A 171 1.90 -11.89 -19.63
C ARG A 171 2.38 -10.44 -19.25
N TYR A 172 1.84 -9.94 -18.13
CA TYR A 172 2.19 -8.55 -17.70
C TYR A 172 3.71 -8.48 -17.38
N LEU A 173 4.21 -9.50 -16.68
CA LEU A 173 5.64 -9.53 -16.35
C LEU A 173 6.52 -9.46 -17.54
N GLU A 174 6.14 -10.12 -18.63
CA GLU A 174 6.91 -10.03 -19.85
C GLU A 174 6.75 -8.69 -20.57
N ASN A 175 5.47 -8.27 -20.71
CA ASN A 175 5.21 -7.04 -21.44
C ASN A 175 5.85 -5.83 -20.70
N GLY A 176 5.87 -5.86 -19.38
CA GLY A 176 6.47 -4.81 -18.59
C GLY A 176 7.85 -5.10 -18.05
N LYS A 177 8.54 -6.07 -18.62
CA LYS A 177 9.78 -6.60 -18.01
C LYS A 177 10.84 -5.56 -17.77
N GLU A 178 10.94 -4.53 -18.59
N GLU A 178 10.95 -4.53 -18.59
CA GLU A 178 11.97 -3.51 -18.43
CA GLU A 178 12.05 -3.59 -18.42
C GLU A 178 11.97 -2.92 -17.03
C GLU A 178 11.98 -2.93 -17.04
N THR A 179 10.78 -2.77 -16.46
CA THR A 179 10.65 -2.29 -15.07
C THR A 179 10.24 -3.43 -14.17
N LEU A 180 9.24 -4.26 -14.52
CA LEU A 180 8.75 -5.26 -13.57
C LEU A 180 9.76 -6.31 -13.17
N GLN A 181 10.68 -6.60 -14.05
CA GLN A 181 11.72 -7.59 -13.77
C GLN A 181 13.07 -6.97 -13.55
N ARG A 182 13.11 -5.67 -13.32
CA ARG A 182 14.33 -4.97 -12.87
C ARG A 182 14.25 -4.85 -11.35
N THR A 183 15.30 -5.25 -10.64
CA THR A 183 15.41 -4.96 -9.25
C THR A 183 16.20 -3.66 -9.10
N ASP A 184 15.75 -2.77 -8.28
CA ASP A 184 16.50 -1.54 -7.97
C ASP A 184 17.00 -1.71 -6.54
N ALA A 185 18.29 -2.00 -6.41
CA ALA A 185 18.87 -2.20 -5.09
C ALA A 185 18.88 -0.87 -4.35
N PRO A 186 18.77 -0.87 -3.01
CA PRO A 186 18.75 0.40 -2.30
C PRO A 186 20.11 1.17 -2.51
N LYS A 187 20.00 2.48 -2.66
CA LYS A 187 21.13 3.43 -2.62
C LYS A 187 21.25 3.77 -1.12
N THR A 188 22.39 3.41 -0.53
CA THR A 188 22.57 3.48 0.90
C THR A 188 23.61 4.49 1.29
N HIS A 189 23.43 5.10 2.47
CA HIS A 189 24.40 5.94 3.07
C HIS A 189 24.06 6.09 4.53
N MET A 190 24.98 6.67 5.28
CA MET A 190 24.79 6.88 6.73
C MET A 190 24.94 8.36 7.00
N THR A 191 24.16 8.86 7.95
CA THR A 191 24.35 10.21 8.47
C THR A 191 24.59 10.14 9.96
N HIS A 192 25.16 11.20 10.47
CA HIS A 192 25.61 11.28 11.82
C HIS A 192 25.04 12.58 12.45
N HIS A 193 24.43 12.46 13.62
CA HIS A 193 23.72 13.62 14.28
C HIS A 193 24.09 13.60 15.75
N ALA A 194 24.89 14.54 16.21
CA ALA A 194 25.19 14.62 17.63
C ALA A 194 23.89 14.88 18.43
N VAL A 195 23.71 14.18 19.52
CA VAL A 195 22.52 14.32 20.39
C VAL A 195 22.92 15.04 21.68
N SER A 196 24.18 14.87 22.06
CA SER A 196 24.78 15.54 23.19
C SER A 196 26.29 15.48 22.98
N ASP A 197 27.02 15.91 23.97
CA ASP A 197 28.50 15.86 23.96
C ASP A 197 28.94 14.38 24.02
N HIS A 198 28.06 13.49 24.47
CA HIS A 198 28.43 12.12 24.80
C HIS A 198 27.83 11.07 23.90
N GLU A 199 26.82 11.45 23.11
CA GLU A 199 26.11 10.48 22.31
C GLU A 199 25.80 11.03 20.98
N ALA A 200 25.65 10.15 20.01
CA ALA A 200 25.31 10.53 18.66
C ALA A 200 24.32 9.55 18.07
N THR A 201 23.55 9.99 17.10
CA THR A 201 22.68 9.14 16.34
C THR A 201 23.29 8.82 14.98
N LEU A 202 23.35 7.55 14.63
CA LEU A 202 23.72 7.13 13.31
C LEU A 202 22.42 6.72 12.63
N ARG A 203 22.21 7.23 11.41
CA ARG A 203 20.99 6.93 10.66
C ARG A 203 21.44 6.25 9.32
N CYS A 204 20.96 5.02 9.11
CA CYS A 204 21.25 4.22 7.93
C CYS A 204 20.09 4.37 7.01
N TRP A 205 20.36 4.90 5.81
CA TRP A 205 19.36 5.21 4.80
C TRP A 205 19.37 4.22 3.64
N ALA A 206 18.17 3.82 3.22
CA ALA A 206 18.01 3.01 2.04
C ALA A 206 17.02 3.77 1.14
N LEU A 207 17.45 4.14 -0.06
CA LEU A 207 16.65 4.99 -0.94
C LEU A 207 16.51 4.41 -2.31
N SER A 208 15.41 4.74 -2.96
CA SER A 208 15.17 4.48 -4.38
C SER A 208 15.17 3.01 -4.71
N PHE A 209 14.60 2.14 -3.86
CA PHE A 209 14.64 0.72 -4.08
C PHE A 209 13.28 0.18 -4.54
N TYR A 210 13.36 -0.98 -5.18
CA TYR A 210 12.17 -1.72 -5.71
C TYR A 210 12.59 -3.16 -5.85
N PRO A 211 11.83 -4.15 -5.36
CA PRO A 211 10.51 -3.97 -4.65
C PRO A 211 10.62 -3.41 -3.30
N ALA A 212 9.48 -3.21 -2.64
CA ALA A 212 9.46 -2.61 -1.32
C ALA A 212 10.04 -3.41 -0.17
N GLU A 213 10.00 -4.73 -0.27
CA GLU A 213 10.50 -5.61 0.78
C GLU A 213 11.98 -5.34 1.08
N ILE A 214 12.33 -5.06 2.32
CA ILE A 214 13.74 -4.76 2.68
C ILE A 214 13.93 -5.06 4.13
N THR A 215 15.16 -5.38 4.54
CA THR A 215 15.48 -5.53 5.94
C THR A 215 16.72 -4.68 6.30
N LEU A 216 16.58 -3.82 7.28
CA LEU A 216 17.69 -2.99 7.83
C LEU A 216 17.88 -3.44 9.25
N THR A 217 19.10 -3.80 9.59
N THR A 217 19.12 -3.78 9.61
CA THR A 217 19.41 -4.11 10.97
CA THR A 217 19.45 -4.32 10.94
C THR A 217 20.68 -3.43 11.37
C THR A 217 20.77 -3.71 11.44
N TRP A 218 20.80 -3.19 12.65
CA TRP A 218 22.04 -2.69 13.26
C TRP A 218 22.66 -3.81 14.05
N GLN A 219 24.01 -3.86 14.02
CA GLN A 219 24.84 -4.70 14.87
C GLN A 219 25.86 -3.83 15.61
N ARG A 220 26.23 -4.27 16.81
CA ARG A 220 27.30 -3.71 17.60
C ARG A 220 28.31 -4.82 17.77
N ASP A 221 29.56 -4.61 17.34
CA ASP A 221 30.58 -5.63 17.41
C ASP A 221 30.08 -6.97 16.82
N GLY A 222 29.33 -6.88 15.73
CA GLY A 222 28.88 -8.05 15.03
C GLY A 222 27.69 -8.80 15.65
N GLU A 223 26.99 -8.19 16.60
CA GLU A 223 25.79 -8.79 17.21
C GLU A 223 24.60 -7.90 17.04
N ASP A 224 23.45 -8.42 16.62
CA ASP A 224 22.28 -7.59 16.37
C ASP A 224 21.90 -6.80 17.63
N GLN A 225 21.54 -5.54 17.40
CA GLN A 225 21.07 -4.67 18.43
C GLN A 225 19.76 -4.04 18.02
N THR A 226 18.73 -4.13 18.90
CA THR A 226 17.47 -3.44 18.75
C THR A 226 17.26 -2.37 19.85
N GLN A 227 17.82 -2.50 21.02
CA GLN A 227 17.76 -1.44 22.01
C GLN A 227 18.42 -0.18 21.48
N ASP A 228 17.85 0.96 21.84
CA ASP A 228 18.38 2.27 21.40
C ASP A 228 18.34 2.43 19.90
N THR A 229 17.44 1.71 19.22
CA THR A 229 17.24 1.87 17.77
C THR A 229 15.85 2.38 17.44
N GLU A 230 15.70 2.94 16.25
N GLU A 230 15.71 2.89 16.24
CA GLU A 230 14.39 3.32 15.71
CA GLU A 230 14.43 3.31 15.69
C GLU A 230 14.35 3.02 14.19
C GLU A 230 14.39 2.86 14.20
N LEU A 231 13.22 2.48 13.69
CA LEU A 231 13.06 2.03 12.26
C LEU A 231 11.80 2.77 11.83
N VAL A 232 11.75 3.42 10.67
CA VAL A 232 10.50 3.92 10.15
C VAL A 232 9.87 2.92 9.22
N GLU A 233 8.55 2.97 9.09
N GLU A 233 8.58 2.94 9.09
CA GLU A 233 7.79 2.22 8.08
CA GLU A 233 7.93 2.14 8.10
C GLU A 233 8.28 2.52 6.65
C GLU A 233 8.41 2.49 6.71
N THR A 234 8.51 1.47 5.87
CA THR A 234 8.85 1.64 4.48
C THR A 234 7.79 2.54 3.80
N ARG A 235 8.26 3.52 2.97
CA ARG A 235 7.41 4.58 2.47
C ARG A 235 7.66 4.78 1.01
N PRO A 236 6.65 5.18 0.26
CA PRO A 236 6.84 5.40 -1.20
C PRO A 236 7.56 6.73 -1.51
N ALA A 237 8.45 6.67 -2.47
CA ALA A 237 9.07 7.94 -2.92
C ALA A 237 8.18 8.77 -3.79
N GLY A 238 7.26 8.11 -4.49
CA GLY A 238 6.39 8.77 -5.44
C GLY A 238 6.75 8.59 -6.89
N ASP A 239 7.95 8.03 -7.11
CA ASP A 239 8.39 7.65 -8.46
C ASP A 239 8.38 6.17 -8.74
N GLY A 240 7.65 5.41 -7.92
CA GLY A 240 7.58 3.98 -7.99
C GLY A 240 8.55 3.22 -7.11
N THR A 241 9.53 3.92 -6.53
CA THR A 241 10.47 3.32 -5.61
C THR A 241 10.09 3.63 -4.17
N PHE A 242 10.86 3.04 -3.24
CA PHE A 242 10.62 3.11 -1.81
C PHE A 242 11.83 3.61 -1.07
N GLN A 243 11.59 3.97 0.19
CA GLN A 243 12.59 4.50 1.13
C GLN A 243 12.41 3.85 2.48
N LYS A 244 13.48 3.78 3.24
CA LYS A 244 13.40 3.39 4.65
C LYS A 244 14.64 3.91 5.34
N TRP A 245 14.60 4.07 6.67
CA TRP A 245 15.81 4.28 7.44
C TRP A 245 15.69 3.60 8.80
N ALA A 246 16.85 3.34 9.36
CA ALA A 246 16.99 2.80 10.71
C ALA A 246 18.07 3.58 11.42
N ALA A 247 17.90 3.86 12.70
CA ALA A 247 18.84 4.69 13.44
C ALA A 247 19.20 4.02 14.77
N VAL A 248 20.40 4.36 15.27
CA VAL A 248 20.85 3.83 16.54
C VAL A 248 21.55 4.98 17.27
N VAL A 249 21.42 5.04 18.60
CA VAL A 249 22.14 6.03 19.40
C VAL A 249 23.34 5.29 20.01
N VAL A 250 24.50 5.94 19.95
CA VAL A 250 25.78 5.35 20.34
C VAL A 250 26.62 6.32 21.14
N PRO A 251 27.54 5.82 21.96
CA PRO A 251 28.49 6.70 22.65
C PRO A 251 29.42 7.39 21.63
N SER A 252 29.38 8.72 21.61
N SER A 252 29.65 8.68 21.87
CA SER A 252 30.38 9.50 20.86
CA SER A 252 30.47 9.46 20.97
C SER A 252 31.82 8.91 20.96
C SER A 252 31.90 8.91 21.00
N GLY A 253 32.43 8.66 19.80
CA GLY A 253 33.73 8.03 19.68
C GLY A 253 33.68 6.55 19.39
N GLN A 254 32.51 5.89 19.54
CA GLN A 254 32.43 4.44 19.36
C GLN A 254 31.65 4.07 18.16
N GLU A 255 31.42 5.03 17.25
CA GLU A 255 30.62 4.82 16.03
C GLU A 255 31.12 3.64 15.22
N GLN A 256 32.43 3.43 15.18
CA GLN A 256 33.00 2.40 14.32
C GLN A 256 32.65 0.97 14.72
N ARG A 257 32.13 0.76 15.94
CA ARG A 257 31.69 -0.59 16.42
C ARG A 257 30.41 -1.03 15.76
N TYR A 258 29.66 -0.07 15.20
CA TYR A 258 28.28 -0.29 14.75
C TYR A 258 28.26 -0.51 13.25
N THR A 259 27.44 -1.45 12.81
CA THR A 259 27.27 -1.71 11.37
C THR A 259 25.80 -1.81 11.05
N CYS A 260 25.42 -1.23 9.90
CA CYS A 260 24.08 -1.33 9.36
C CYS A 260 24.12 -2.35 8.26
N HIS A 261 23.19 -3.32 8.30
CA HIS A 261 23.15 -4.45 7.37
C HIS A 261 21.87 -4.36 6.60
N VAL A 262 21.99 -4.39 5.28
CA VAL A 262 20.92 -4.16 4.37
C VAL A 262 20.70 -5.35 3.46
N GLN A 263 19.49 -5.91 3.54
CA GLN A 263 19.11 -7.09 2.72
C GLN A 263 18.01 -6.67 1.77
N HIS A 264 18.14 -7.05 0.50
CA HIS A 264 17.18 -6.69 -0.53
C HIS A 264 17.38 -7.58 -1.70
N GLU A 265 16.30 -7.88 -2.42
CA GLU A 265 16.36 -8.76 -3.59
C GLU A 265 17.34 -8.29 -4.65
N GLY A 266 17.53 -6.97 -4.72
CA GLY A 266 18.50 -6.38 -5.67
C GLY A 266 19.94 -6.47 -5.31
N LEU A 267 20.27 -7.02 -4.14
CA LEU A 267 21.62 -7.13 -3.64
C LEU A 267 22.00 -8.62 -3.62
N PRO A 268 22.98 -9.02 -4.42
CA PRO A 268 23.46 -10.39 -4.37
C PRO A 268 23.95 -10.85 -3.01
N LYS A 269 24.64 -9.98 -2.26
CA LYS A 269 24.96 -10.25 -0.88
C LYS A 269 24.50 -9.02 -0.10
N PRO A 270 24.13 -9.17 1.17
CA PRO A 270 23.78 -8.00 1.94
C PRO A 270 24.90 -6.97 2.00
N LEU A 271 24.55 -5.69 2.08
CA LEU A 271 25.55 -4.64 2.24
C LEU A 271 25.76 -4.41 3.69
N THR A 272 26.96 -3.96 4.04
CA THR A 272 27.28 -3.63 5.39
C THR A 272 27.84 -2.21 5.33
N LEU A 273 27.26 -1.28 6.09
CA LEU A 273 27.77 0.11 6.20
C LEU A 273 28.30 0.36 7.60
N ARG A 274 29.34 1.17 7.68
CA ARG A 274 30.06 1.50 8.94
C ARG A 274 30.55 2.96 8.88
N TRP A 275 30.30 3.71 9.96
CA TRP A 275 30.81 5.07 10.10
C TRP A 275 32.31 4.97 10.44
N GLU A 276 33.09 5.15 9.39
CA GLU A 276 34.52 5.26 9.37
C GLU A 276 34.87 6.25 8.20
N PRO A 277 33.85 6.77 7.42
CA PRO A 277 34.03 8.17 7.02
C PRO A 277 33.48 9.00 8.17
N MET B 1 -17.37 0.20 15.15
CA MET B 1 -16.24 -0.68 14.92
C MET B 1 -14.96 0.06 15.18
N ILE B 2 -13.87 -0.48 14.65
CA ILE B 2 -12.55 0.05 14.92
C ILE B 2 -12.54 1.40 14.34
N GLN B 3 -11.88 2.29 15.06
CA GLN B 3 -11.34 3.44 14.39
C GLN B 3 -9.85 3.36 14.70
N ARG B 4 -9.07 3.51 13.67
CA ARG B 4 -7.59 3.49 13.76
C ARG B 4 -7.08 4.82 13.22
N THR B 5 -6.22 5.48 13.99
CA THR B 5 -5.82 6.82 13.64
C THR B 5 -4.60 6.77 12.69
N PRO B 6 -4.48 7.77 11.82
CA PRO B 6 -3.38 7.68 10.88
C PRO B 6 -1.99 7.93 11.46
N LYS B 7 -1.05 7.14 10.96
CA LYS B 7 0.35 7.44 11.04
C LYS B 7 0.72 8.36 9.92
N ILE B 8 1.69 9.22 10.17
CA ILE B 8 1.99 10.28 9.24
C ILE B 8 3.51 10.37 9.12
N GLN B 9 4.03 10.35 7.88
CA GLN B 9 5.45 10.73 7.63
C GLN B 9 5.45 11.82 6.58
N VAL B 10 6.36 12.81 6.78
CA VAL B 10 6.50 13.96 5.90
C VAL B 10 8.00 13.95 5.48
N TYR B 11 8.22 13.96 4.15
CA TYR B 11 9.58 13.71 3.67
C TYR B 11 9.65 14.14 2.22
N SER B 12 10.87 14.29 1.72
CA SER B 12 11.07 14.63 0.30
C SER B 12 11.38 13.37 -0.51
N ARG B 13 11.06 13.42 -1.81
CA ARG B 13 11.37 12.32 -2.71
C ARG B 13 12.89 12.15 -2.79
N HIS B 14 13.58 13.26 -3.06
CA HIS B 14 15.04 13.29 -3.21
C HIS B 14 15.66 13.97 -2.01
N PRO B 15 16.98 13.79 -1.79
CA PRO B 15 17.65 14.50 -0.73
C PRO B 15 17.45 15.99 -0.87
N ALA B 16 17.13 16.67 0.23
CA ALA B 16 16.80 18.06 0.11
C ALA B 16 18.03 18.92 -0.06
N GLU B 17 18.02 19.82 -1.07
CA GLU B 17 19.10 20.73 -1.31
C GLU B 17 18.50 22.11 -1.52
N ASN B 18 18.88 23.08 -0.71
CA ASN B 18 18.24 24.37 -0.73
C ASN B 18 18.34 24.96 -2.12
N GLY B 19 17.21 25.41 -2.61
CA GLY B 19 17.11 26.08 -3.88
C GLY B 19 16.91 25.14 -5.07
N LYS B 20 16.85 23.84 -4.85
CA LYS B 20 16.72 22.89 -5.91
C LYS B 20 15.36 22.17 -5.86
N SER B 21 14.67 22.13 -7.00
N SER B 21 14.64 22.15 -6.96
CA SER B 21 13.37 21.48 -7.12
CA SER B 21 13.31 21.62 -6.91
C SER B 21 13.34 20.06 -6.61
C SER B 21 13.31 20.13 -6.63
N ASN B 22 12.18 19.65 -6.10
CA ASN B 22 12.04 18.33 -5.42
C ASN B 22 10.53 18.08 -5.29
N PHE B 23 10.17 17.03 -4.57
CA PHE B 23 8.78 16.71 -4.27
C PHE B 23 8.64 16.48 -2.81
N LEU B 24 7.59 17.10 -2.25
CA LEU B 24 7.25 16.95 -0.85
C LEU B 24 6.08 15.93 -0.71
N ASN B 25 6.31 14.93 0.15
CA ASN B 25 5.44 13.79 0.34
C ASN B 25 4.86 13.84 1.75
N CYS B 26 3.57 13.51 1.85
CA CYS B 26 2.96 13.16 3.14
C CYS B 26 2.28 11.79 2.98
N TYR B 27 2.83 10.81 3.66
CA TYR B 27 2.35 9.46 3.59
C TYR B 27 1.52 9.18 4.84
N VAL B 28 0.20 8.89 4.65
CA VAL B 28 -0.69 8.60 5.75
C VAL B 28 -1.05 7.11 5.65
N SER B 29 -0.95 6.39 6.73
CA SER B 29 -1.20 4.94 6.73
C SER B 29 -1.77 4.48 8.05
N GLY B 30 -2.27 3.25 8.03
CA GLY B 30 -2.77 2.60 9.21
C GLY B 30 -4.11 3.10 9.73
N PHE B 31 -4.89 3.74 8.87
CA PHE B 31 -6.12 4.39 9.32
C PHE B 31 -7.34 3.58 8.90
N HIS B 32 -8.40 3.80 9.62
CA HIS B 32 -9.71 3.21 9.29
C HIS B 32 -10.73 4.05 10.07
N PRO B 33 -11.83 4.51 9.45
CA PRO B 33 -12.22 4.33 8.04
C PRO B 33 -11.40 5.19 7.09
N SER B 34 -11.68 5.05 5.78
CA SER B 34 -10.88 5.66 4.75
C SER B 34 -11.06 7.16 4.56
N ASP B 35 -12.18 7.71 4.94
CA ASP B 35 -12.39 9.15 4.74
C ASP B 35 -11.30 9.90 5.54
N ILE B 36 -10.58 10.81 4.89
CA ILE B 36 -9.49 11.50 5.50
C ILE B 36 -9.27 12.79 4.74
N GLU B 37 -8.76 13.82 5.44
CA GLU B 37 -8.40 15.10 4.81
C GLU B 37 -6.94 15.36 5.05
N VAL B 38 -6.24 15.66 3.97
CA VAL B 38 -4.79 15.87 4.03
C VAL B 38 -4.41 17.08 3.20
N ASP B 39 -3.72 18.05 3.82
CA ASP B 39 -3.19 19.19 3.11
C ASP B 39 -1.70 19.27 3.35
N LEU B 40 -1.00 19.78 2.34
CA LEU B 40 0.39 20.17 2.51
C LEU B 40 0.42 21.67 2.66
N LEU B 41 1.27 22.16 3.58
CA LEU B 41 1.34 23.57 3.91
C LEU B 41 2.76 24.10 3.73
N LYS B 42 2.83 25.33 3.28
CA LYS B 42 4.06 26.11 3.17
C LYS B 42 3.87 27.32 4.03
N ASN B 43 4.71 27.49 5.05
CA ASN B 43 4.55 28.58 6.03
C ASN B 43 3.13 28.73 6.55
N GLY B 44 2.52 27.58 6.81
CA GLY B 44 1.16 27.56 7.33
C GLY B 44 0.01 27.65 6.33
N GLU B 45 0.30 27.90 5.04
CA GLU B 45 -0.73 28.08 4.02
C GLU B 45 -0.89 26.87 3.13
N ARG B 46 -2.14 26.51 2.85
N ARG B 46 -2.14 26.56 2.83
CA ARG B 46 -2.42 25.31 2.09
CA ARG B 46 -2.52 25.40 2.05
C ARG B 46 -1.92 25.45 0.65
C ARG B 46 -1.94 25.47 0.61
N ILE B 47 -1.27 24.39 0.18
CA ILE B 47 -0.79 24.29 -1.19
C ILE B 47 -1.93 23.71 -2.05
N GLU B 48 -2.30 24.41 -3.12
CA GLU B 48 -3.43 23.97 -3.93
C GLU B 48 -3.06 22.84 -4.90
N LYS B 49 -1.85 22.79 -5.42
CA LYS B 49 -1.56 21.84 -6.52
C LYS B 49 -1.30 20.37 -6.10
N VAL B 50 -1.70 20.01 -4.91
CA VAL B 50 -1.35 18.71 -4.35
C VAL B 50 -2.15 17.57 -5.01
N GLU B 51 -1.48 16.45 -5.30
CA GLU B 51 -2.12 15.28 -5.83
C GLU B 51 -1.99 14.14 -4.83
N HIS B 52 -2.72 13.04 -5.11
CA HIS B 52 -2.62 11.89 -4.23
C HIS B 52 -2.78 10.57 -5.04
N SER B 53 -2.27 9.51 -4.40
CA SER B 53 -2.40 8.16 -4.94
C SER B 53 -3.82 7.61 -4.76
N ASP B 54 -4.10 6.53 -5.47
CA ASP B 54 -5.38 5.87 -5.38
C ASP B 54 -5.47 5.05 -4.11
N LEU B 55 -6.58 5.11 -3.41
CA LEU B 55 -6.80 4.39 -2.19
C LEU B 55 -6.51 2.87 -2.24
N SER B 56 -5.66 2.43 -1.33
CA SER B 56 -5.43 0.99 -1.21
C SER B 56 -5.26 0.72 0.27
N PHE B 57 -5.00 -0.54 0.59
CA PHE B 57 -4.95 -0.99 2.00
C PHE B 57 -3.98 -2.11 2.21
N SER B 58 -3.63 -2.29 3.49
CA SER B 58 -2.60 -3.21 3.92
C SER B 58 -3.17 -4.49 4.40
N LYS B 59 -2.28 -5.38 4.84
CA LYS B 59 -2.71 -6.70 5.25
C LYS B 59 -3.74 -6.74 6.40
N ASP B 60 -3.66 -5.74 7.26
CA ASP B 60 -4.59 -5.64 8.35
C ASP B 60 -5.83 -4.80 8.07
N TRP B 61 -6.07 -4.52 6.76
CA TRP B 61 -7.25 -3.80 6.24
C TRP B 61 -7.12 -2.27 6.40
N SER B 62 -6.09 -1.81 7.09
CA SER B 62 -5.93 -0.37 7.23
C SER B 62 -5.51 0.29 5.90
N PHE B 63 -5.91 1.55 5.71
CA PHE B 63 -5.73 2.26 4.47
C PHE B 63 -4.41 3.00 4.43
N TYR B 64 -3.98 3.34 3.22
CA TYR B 64 -2.80 4.22 3.06
C TYR B 64 -2.97 5.04 1.79
N LEU B 65 -2.39 6.26 1.85
CA LEU B 65 -2.41 7.22 0.74
C LEU B 65 -1.09 8.02 0.78
N LEU B 66 -0.62 8.40 -0.42
CA LEU B 66 0.47 9.36 -0.53
C LEU B 66 -0.11 10.62 -1.15
N TYR B 67 0.14 11.75 -0.48
CA TYR B 67 -0.16 13.10 -0.98
C TYR B 67 1.18 13.76 -1.30
N TYR B 68 1.22 14.50 -2.43
CA TYR B 68 2.52 15.06 -2.82
C TYR B 68 2.35 16.29 -3.65
N THR B 69 3.44 17.09 -3.71
CA THR B 69 3.50 18.23 -4.56
C THR B 69 4.97 18.53 -4.86
N GLU B 70 5.19 19.09 -6.04
N GLU B 70 5.20 19.09 -6.03
CA GLU B 70 6.45 19.70 -6.41
CA GLU B 70 6.48 19.72 -6.30
C GLU B 70 6.77 20.89 -5.49
C GLU B 70 6.74 20.81 -5.28
N PHE B 71 8.01 21.03 -4.98
CA PHE B 71 8.41 22.13 -4.07
C PHE B 71 9.88 22.43 -4.20
N THR B 72 10.29 23.59 -3.72
CA THR B 72 11.72 23.95 -3.69
C THR B 72 12.11 24.27 -2.26
N PRO B 73 12.76 23.37 -1.55
CA PRO B 73 13.16 23.68 -0.18
C PRO B 73 14.14 24.83 -0.13
N THR B 74 14.05 25.58 0.97
CA THR B 74 14.98 26.63 1.30
C THR B 74 15.41 26.55 2.77
N GLU B 75 16.33 27.42 3.14
CA GLU B 75 16.81 27.43 4.47
C GLU B 75 15.66 27.82 5.40
N LYS B 76 14.84 28.79 5.00
CA LYS B 76 13.93 29.42 5.94
C LYS B 76 12.49 28.97 5.81
N ASP B 77 12.07 28.46 4.66
CA ASP B 77 10.64 28.07 4.51
C ASP B 77 10.35 26.80 5.29
N GLU B 78 9.16 26.78 5.87
CA GLU B 78 8.75 25.64 6.67
C GLU B 78 7.62 24.96 5.92
N TYR B 79 7.68 23.64 5.92
CA TYR B 79 6.64 22.83 5.23
C TYR B 79 6.02 21.91 6.27
N ALA B 80 4.79 21.51 6.05
CA ALA B 80 4.14 20.62 7.01
C ALA B 80 3.01 19.87 6.32
N CYS B 81 2.53 18.81 6.96
CA CYS B 81 1.35 18.07 6.50
C CYS B 81 0.27 18.23 7.59
N ARG B 82 -0.95 18.58 7.19
CA ARG B 82 -2.07 18.69 8.14
C ARG B 82 -3.10 17.61 7.83
N VAL B 83 -3.45 16.85 8.85
CA VAL B 83 -4.37 15.70 8.65
C VAL B 83 -5.56 15.79 9.55
N ASN B 84 -6.77 15.58 9.00
CA ASN B 84 -7.97 15.39 9.82
C ASN B 84 -8.60 14.03 9.50
N HIS B 85 -9.14 13.42 10.54
CA HIS B 85 -9.74 12.10 10.46
C HIS B 85 -10.69 11.98 11.63
N VAL B 86 -11.67 11.07 11.54
CA VAL B 86 -12.67 10.93 12.58
C VAL B 86 -12.04 10.67 13.95
N THR B 87 -10.86 10.04 13.95
CA THR B 87 -10.17 9.74 15.19
C THR B 87 -9.47 10.96 15.85
N LEU B 88 -9.44 12.10 15.19
CA LEU B 88 -8.69 13.27 15.67
C LEU B 88 -9.69 14.33 16.08
N SER B 89 -9.53 14.85 17.31
CA SER B 89 -10.27 16.01 17.86
C SER B 89 -10.11 17.27 17.06
N GLN B 90 -8.88 17.45 16.60
CA GLN B 90 -8.50 18.59 15.80
C GLN B 90 -7.48 18.14 14.82
N PRO B 91 -7.28 18.90 13.74
CA PRO B 91 -6.28 18.46 12.79
C PRO B 91 -4.91 18.32 13.41
N LYS B 92 -4.16 17.34 12.93
CA LYS B 92 -2.82 17.07 13.37
C LYS B 92 -1.85 17.69 12.35
N ILE B 93 -0.89 18.46 12.84
CA ILE B 93 0.11 19.08 11.95
C ILE B 93 1.46 18.45 12.24
N VAL B 94 2.09 17.91 11.21
CA VAL B 94 3.44 17.34 11.33
C VAL B 94 4.40 18.11 10.42
N LYS B 95 5.36 18.80 11.06
CA LYS B 95 6.35 19.58 10.33
C LYS B 95 7.34 18.67 9.58
N TRP B 96 7.71 19.08 8.37
CA TRP B 96 8.74 18.40 7.63
C TRP B 96 10.09 18.63 8.26
N ASP B 97 10.79 17.54 8.54
CA ASP B 97 12.23 17.56 8.94
C ASP B 97 13.06 16.87 7.86
N ARG B 98 13.98 17.61 7.24
CA ARG B 98 14.73 17.10 6.09
C ARG B 98 15.66 15.92 6.40
N ASP B 99 15.87 15.63 7.68
CA ASP B 99 16.76 14.54 8.09
C ASP B 99 15.97 13.27 8.41
N MET B 100 14.65 13.28 8.18
CA MET B 100 13.75 12.20 8.60
C MET B 100 12.95 11.56 7.47
N ARG C 1 -5.65 -9.06 -15.12
CA ARG C 1 -6.99 -9.46 -15.58
C ARG C 1 -7.80 -9.86 -14.37
N GLN C 2 -8.92 -9.19 -14.13
CA GLN C 2 -9.79 -9.55 -13.01
C GLN C 2 -10.54 -10.86 -13.12
N TRP C 3 -10.88 -11.38 -11.94
CA TRP C 3 -11.80 -12.47 -11.77
C TRP C 3 -13.18 -11.98 -12.26
N GLY C 4 -13.79 -12.74 -13.11
CA GLY C 4 -15.14 -12.46 -13.59
C GLY C 4 -16.01 -13.68 -13.66
N PRO C 5 -17.28 -13.47 -14.01
CA PRO C 5 -17.82 -12.17 -14.46
C PRO C 5 -18.15 -11.17 -13.36
N ASP C 6 -18.38 -11.65 -12.13
CA ASP C 6 -18.86 -10.80 -11.02
C ASP C 6 -18.81 -11.68 -9.72
N PRO C 7 -18.17 -11.22 -8.65
CA PRO C 7 -18.15 -11.99 -7.42
C PRO C 7 -19.55 -12.32 -6.94
N ALA C 8 -19.73 -13.46 -6.29
CA ALA C 8 -20.99 -13.76 -5.64
C ALA C 8 -21.25 -12.78 -4.46
N ALA C 9 -22.50 -12.36 -4.31
CA ALA C 9 -22.92 -11.50 -3.22
C ALA C 9 -22.86 -12.24 -1.87
N VAL C 10 -22.55 -11.51 -0.81
CA VAL C 10 -22.51 -12.12 0.55
C VAL C 10 -23.89 -12.45 1.05
#